data_1TQC
#
_entry.id   1TQC
#
_cell.length_a   91.659
_cell.length_b   145.448
_cell.length_c   43.596
_cell.angle_alpha   90.00
_cell.angle_beta   90.00
_cell.angle_gamma   90.00
#
_symmetry.space_group_name_H-M   'P 21 21 2'
#
loop_
_entity.id
_entity.type
_entity.pdbx_description
1 polymer 'prion protein'
2 polymer 'VRQ14 Fab Heavy chain'
3 polymer 'VRQ14 Fab light chain'
4 water water
#
loop_
_entity_poly.entity_id
_entity_poly.type
_entity_poly.pdbx_seq_one_letter_code
_entity_poly.pdbx_strand_id
1 'polypeptide(L)'
;GLGGYMLGSAMSRPLIHFGNDYEDRYYRENMYRYPNQVYYRPVDRYSNQNNFVHDCVNITVKQHTVTTTTKGENFTETDI
KIMERVVEQMCITQYQRESQAY
;
A
2 'polypeptide(L)'
;QIQLVQSGPELKKPGETVKISCKASGYTFTNYGMNLVKQAPGKGFEWMGWINTFTGEPTYADDFKGRFVFSLDTSASTAY
LQINNLKNEDTATYFFTRGTDYWGQGTTLTVSSAKTTAPSVYPLAPVCGDTTGSSVTLGCLVKGYFPEPVTLTWNSGSLS
SGVHTFPAVLQSDLYTLSSSVTVTSSTWPSQSITCNVAHPASSTKVDKKIEP
;
B
3 'polypeptide(L)'
;DVVMSQTPLTLSVTIGQPASISCKSSQSLLDSDGKTYLNWLLQRPGQSPKRLIYLVSRLDSGVPDRFTGSGSGTDFTLKI
SRVEAEDLGIYFCWQGSHFPQTFGGGTKLEIKRADAAPTVSIFPPSSEQLTSGGASVVCFLNNFYPKDINVKWKIDGSER
QNGVLNSWTDQDSKDSTYSMSSTLTLTKDEYERHNSYTCEATHKTSTSPIVKSFNRNEC
;
C
#
# COMPACT_ATOMS: atom_id res chain seq x y z
N GLY A 1 -0.65 13.96 29.44
CA GLY A 1 -0.45 12.53 29.07
C GLY A 1 0.14 11.68 30.20
N LEU A 2 1.38 11.98 30.56
CA LEU A 2 2.07 11.26 31.63
C LEU A 2 2.74 12.25 32.57
N GLY A 3 2.44 13.52 32.39
CA GLY A 3 3.02 14.53 33.25
C GLY A 3 2.69 14.20 34.69
N GLY A 4 3.72 14.14 35.53
CA GLY A 4 3.49 13.83 36.93
C GLY A 4 3.36 12.34 37.15
N TYR A 5 3.53 11.56 36.09
CA TYR A 5 3.44 10.11 36.19
C TYR A 5 4.81 9.45 36.29
N MET A 6 4.91 8.57 37.27
CA MET A 6 6.12 7.84 37.56
C MET A 6 6.01 6.40 37.10
N LEU A 7 7.18 5.80 36.84
CA LEU A 7 7.25 4.41 36.46
C LEU A 7 7.75 3.74 37.72
N GLY A 8 6.95 2.83 38.26
CA GLY A 8 7.36 2.12 39.48
C GLY A 8 8.30 0.98 39.16
N SER A 9 8.94 0.44 40.19
CA SER A 9 9.86 -0.67 39.99
C SER A 9 9.08 -1.90 39.51
N ALA A 10 9.80 -2.82 38.89
CA ALA A 10 9.20 -4.04 38.39
C ALA A 10 8.82 -4.91 39.57
N MET A 11 7.82 -5.77 39.38
CA MET A 11 7.31 -6.68 40.41
C MET A 11 6.77 -7.93 39.71
N SER A 12 6.72 -9.05 40.41
CA SER A 12 6.21 -10.28 39.79
C SER A 12 4.73 -10.12 39.51
N ARG A 13 4.28 -10.59 38.34
CA ARG A 13 2.86 -10.47 38.02
C ARG A 13 2.03 -11.25 39.03
N PRO A 14 0.90 -10.67 39.44
CA PRO A 14 0.04 -11.35 40.41
C PRO A 14 -0.55 -12.60 39.78
N LEU A 15 -0.62 -13.68 40.56
CA LEU A 15 -1.21 -14.89 40.03
C LEU A 15 -2.69 -14.82 40.29
N ILE A 16 -3.45 -14.43 39.26
CA ILE A 16 -4.89 -14.31 39.35
C ILE A 16 -5.49 -15.63 38.92
N HIS A 17 -6.64 -15.99 39.49
CA HIS A 17 -7.29 -17.23 39.12
C HIS A 17 -8.61 -17.08 38.40
N PHE A 18 -8.67 -17.71 37.23
CA PHE A 18 -9.82 -17.69 36.36
C PHE A 18 -10.40 -19.10 36.21
N GLY A 19 -10.94 -19.65 37.30
CA GLY A 19 -11.52 -20.99 37.28
C GLY A 19 -11.16 -22.01 36.20
N ASN A 20 -11.64 -21.77 34.98
CA ASN A 20 -11.38 -22.68 33.85
C ASN A 20 -9.90 -22.82 33.46
N ASP A 21 -9.43 -24.05 33.42
CA ASP A 21 -8.04 -24.31 33.06
C ASP A 21 -7.58 -23.50 31.85
N TYR A 22 -8.46 -23.34 30.85
CA TYR A 22 -8.09 -22.59 29.66
C TYR A 22 -7.83 -21.11 29.89
N GLU A 23 -8.88 -20.32 30.10
CA GLU A 23 -8.68 -18.89 30.31
C GLU A 23 -7.60 -18.61 31.35
N ASP A 24 -7.34 -19.59 32.22
CA ASP A 24 -6.31 -19.47 33.22
C ASP A 24 -5.02 -19.81 32.51
N ARG A 25 -5.07 -20.84 31.67
CA ARG A 25 -3.92 -21.28 30.90
C ARG A 25 -3.58 -20.21 29.88
N TYR A 26 -4.49 -19.26 29.70
CA TYR A 26 -4.28 -18.17 28.75
C TYR A 26 -3.37 -17.12 29.36
N TYR A 27 -3.65 -16.76 30.61
CA TYR A 27 -2.88 -15.77 31.30
C TYR A 27 -1.42 -16.21 31.40
N ARG A 28 -1.20 -17.45 31.82
CA ARG A 28 0.16 -17.95 31.96
C ARG A 28 0.89 -18.00 30.63
N GLU A 29 0.16 -18.29 29.56
CA GLU A 29 0.72 -18.39 28.23
C GLU A 29 0.79 -17.04 27.49
N ASN A 30 0.27 -15.98 28.10
CA ASN A 30 0.24 -14.65 27.48
C ASN A 30 0.77 -13.50 28.32
N MET A 31 1.10 -13.77 29.57
CA MET A 31 1.57 -12.71 30.44
C MET A 31 2.86 -12.02 30.06
N TYR A 32 3.66 -12.58 29.16
CA TYR A 32 4.89 -11.90 28.75
C TYR A 32 4.48 -10.71 27.92
N ARG A 33 3.28 -10.81 27.35
CA ARG A 33 2.72 -9.75 26.53
C ARG A 33 2.08 -8.68 27.42
N TYR A 34 2.13 -8.85 28.74
CA TYR A 34 1.54 -7.88 29.65
C TYR A 34 2.60 -7.14 30.46
N PRO A 35 2.24 -5.99 31.05
CA PRO A 35 3.18 -5.20 31.84
C PRO A 35 3.58 -5.89 33.15
N ASN A 36 4.61 -5.37 33.79
CA ASN A 36 5.06 -5.89 35.07
C ASN A 36 5.52 -4.72 35.93
N GLN A 37 5.06 -3.54 35.55
CA GLN A 37 5.34 -2.31 36.28
C GLN A 37 4.25 -1.28 35.97
N VAL A 38 4.07 -0.29 36.83
CA VAL A 38 2.98 0.66 36.59
C VAL A 38 3.29 2.16 36.60
N TYR A 39 2.49 2.92 35.85
CA TYR A 39 2.62 4.37 35.80
C TYR A 39 1.65 4.92 36.84
N TYR A 40 2.06 5.98 37.53
CA TYR A 40 1.21 6.54 38.57
C TYR A 40 1.60 7.95 38.94
N ARG A 41 0.72 8.63 39.68
CA ARG A 41 0.98 9.97 40.16
C ARG A 41 1.33 9.80 41.64
N PRO A 42 2.13 10.73 42.20
CA PRO A 42 2.49 10.60 43.61
C PRO A 42 1.29 10.18 44.44
N VAL A 43 1.48 9.19 45.30
CA VAL A 43 0.38 8.67 46.11
C VAL A 43 -0.33 9.77 46.91
N ASP A 44 0.38 10.83 47.26
CA ASP A 44 -0.21 11.92 48.03
C ASP A 44 -1.30 12.70 47.27
N ARG A 45 -1.13 12.84 45.96
CA ARG A 45 -2.08 13.57 45.13
C ARG A 45 -3.48 12.95 45.03
N TYR A 46 -3.71 11.89 45.79
CA TYR A 46 -5.00 11.20 45.77
C TYR A 46 -5.59 11.09 47.17
N SER A 47 -6.92 11.16 47.25
CA SER A 47 -7.62 11.08 48.53
C SER A 47 -7.64 9.68 49.12
N ASN A 48 -7.80 8.67 48.26
CA ASN A 48 -7.84 7.29 48.70
C ASN A 48 -7.14 6.35 47.73
N GLN A 49 -7.21 5.04 48.02
CA GLN A 49 -6.59 4.03 47.17
C GLN A 49 -7.35 3.83 45.88
N ASN A 50 -8.68 4.02 45.91
CA ASN A 50 -9.46 3.81 44.71
C ASN A 50 -9.17 4.82 43.60
N ASN A 51 -9.08 6.10 43.94
CA ASN A 51 -8.80 7.08 42.91
C ASN A 51 -7.46 6.73 42.27
N PHE A 52 -6.43 6.60 43.10
CA PHE A 52 -5.08 6.27 42.66
C PHE A 52 -5.11 5.08 41.70
N VAL A 53 -5.44 3.90 42.22
CA VAL A 53 -5.48 2.69 41.43
C VAL A 53 -6.22 2.85 40.10
N HIS A 54 -7.37 3.52 40.12
CA HIS A 54 -8.14 3.71 38.91
C HIS A 54 -7.40 4.49 37.82
N ASP A 55 -6.62 5.48 38.24
CA ASP A 55 -5.87 6.33 37.34
C ASP A 55 -4.67 5.57 36.79
N CYS A 56 -4.04 4.83 37.68
CA CYS A 56 -2.87 4.03 37.39
C CYS A 56 -3.18 2.97 36.33
N VAL A 57 -4.36 2.38 36.43
CA VAL A 57 -4.75 1.36 35.47
C VAL A 57 -4.88 1.93 34.07
N ASN A 58 -5.80 2.88 33.91
CA ASN A 58 -6.04 3.52 32.62
C ASN A 58 -4.74 4.01 32.01
N ILE A 59 -3.88 4.62 32.81
CA ILE A 59 -2.59 5.10 32.33
C ILE A 59 -1.67 3.95 31.96
N THR A 60 -1.49 2.98 32.86
CA THR A 60 -0.60 1.86 32.55
C THR A 60 -1.07 1.08 31.31
N VAL A 61 -2.27 0.53 31.36
CA VAL A 61 -2.80 -0.24 30.25
C VAL A 61 -2.68 0.47 28.90
N LYS A 62 -3.25 1.67 28.83
CA LYS A 62 -3.24 2.47 27.64
C LYS A 62 -1.81 2.68 27.13
N GLN A 63 -0.95 3.22 27.99
CA GLN A 63 0.45 3.46 27.62
C GLN A 63 1.04 2.17 27.06
N HIS A 64 0.72 1.05 27.72
CA HIS A 64 1.22 -0.24 27.31
C HIS A 64 0.75 -0.62 25.90
N THR A 65 -0.53 -0.46 25.63
CA THR A 65 -1.04 -0.81 24.32
C THR A 65 -0.53 0.10 23.23
N VAL A 66 -0.43 1.40 23.48
CA VAL A 66 0.03 2.28 22.41
C VAL A 66 1.51 2.09 22.08
N THR A 67 2.33 1.81 23.08
CA THR A 67 3.74 1.63 22.80
C THR A 67 4.09 0.25 22.26
N THR A 68 3.27 -0.77 22.54
CA THR A 68 3.55 -2.11 22.02
C THR A 68 2.95 -2.34 20.64
N THR A 69 1.75 -1.81 20.40
CA THR A 69 1.11 -1.99 19.09
C THR A 69 1.95 -1.24 18.09
N THR A 70 2.68 -0.24 18.57
CA THR A 70 3.54 0.54 17.71
C THR A 70 4.59 -0.35 17.06
N LYS A 71 5.04 -1.36 17.82
CA LYS A 71 6.03 -2.32 17.34
C LYS A 71 5.36 -3.51 16.67
N GLY A 72 4.11 -3.76 17.02
CA GLY A 72 3.39 -4.86 16.41
C GLY A 72 2.67 -5.78 17.37
N GLU A 73 1.43 -5.42 17.72
CA GLU A 73 0.64 -6.23 18.63
C GLU A 73 -0.82 -6.42 18.20
N ASN A 74 -1.63 -6.89 19.13
CA ASN A 74 -3.04 -7.16 18.90
C ASN A 74 -3.68 -7.56 20.22
N PHE A 75 -4.29 -6.60 20.88
CA PHE A 75 -4.94 -6.89 22.15
C PHE A 75 -6.42 -7.14 21.93
N THR A 76 -6.81 -8.37 22.17
CA THR A 76 -8.19 -8.82 22.01
C THR A 76 -9.02 -8.44 23.23
N GLU A 77 -10.31 -8.74 23.19
CA GLU A 77 -11.20 -8.44 24.32
C GLU A 77 -10.70 -9.17 25.56
N THR A 78 -10.12 -10.36 25.36
CA THR A 78 -9.60 -11.12 26.48
C THR A 78 -8.30 -10.51 26.98
N ASP A 79 -7.43 -10.12 26.05
CA ASP A 79 -6.17 -9.52 26.42
C ASP A 79 -6.42 -8.31 27.31
N ILE A 80 -7.38 -7.48 26.92
CA ILE A 80 -7.73 -6.29 27.68
C ILE A 80 -8.30 -6.72 29.03
N LYS A 81 -9.19 -7.71 29.00
CA LYS A 81 -9.81 -8.23 30.21
C LYS A 81 -8.75 -8.73 31.19
N ILE A 82 -8.01 -9.76 30.82
CA ILE A 82 -6.99 -10.31 31.70
C ILE A 82 -6.02 -9.22 32.15
N MET A 83 -5.86 -8.17 31.36
CA MET A 83 -4.95 -7.08 31.74
C MET A 83 -5.47 -6.15 32.83
N GLU A 84 -6.68 -5.61 32.64
CA GLU A 84 -7.28 -4.71 33.64
C GLU A 84 -7.04 -5.35 35.02
N ARG A 85 -7.42 -6.62 35.16
CA ARG A 85 -7.25 -7.33 36.43
C ARG A 85 -5.81 -7.27 36.91
N VAL A 86 -4.91 -7.90 36.15
CA VAL A 86 -3.49 -7.95 36.50
C VAL A 86 -2.94 -6.59 36.90
N VAL A 87 -3.11 -5.61 36.02
CA VAL A 87 -2.63 -4.27 36.28
C VAL A 87 -3.26 -3.68 37.53
N GLU A 88 -4.51 -4.02 37.81
CA GLU A 88 -5.19 -3.49 38.98
C GLU A 88 -4.55 -4.01 40.28
N GLN A 89 -4.19 -5.28 40.31
CA GLN A 89 -3.53 -5.84 41.49
C GLN A 89 -2.19 -5.14 41.65
N MET A 90 -1.51 -4.96 40.53
CA MET A 90 -0.21 -4.31 40.57
C MET A 90 -0.32 -2.88 41.05
N CYS A 91 -1.30 -2.14 40.55
CA CYS A 91 -1.49 -0.76 41.00
C CYS A 91 -1.75 -0.71 42.50
N ILE A 92 -2.55 -1.64 43.00
CA ILE A 92 -2.84 -1.68 44.44
C ILE A 92 -1.55 -1.95 45.19
N THR A 93 -0.74 -2.88 44.67
CA THR A 93 0.52 -3.20 45.30
C THR A 93 1.43 -1.98 45.26
N GLN A 94 1.30 -1.20 44.20
CA GLN A 94 2.11 0.00 44.05
C GLN A 94 1.66 1.00 45.10
N TYR A 95 0.36 1.03 45.36
CA TYR A 95 -0.19 1.94 46.36
C TYR A 95 0.43 1.66 47.73
N GLN A 96 0.51 0.38 48.09
CA GLN A 96 1.11 0.01 49.36
C GLN A 96 2.54 0.54 49.39
N ARG A 97 3.31 0.19 48.37
CA ARG A 97 4.69 0.64 48.29
C ARG A 97 4.81 2.13 48.56
N GLU A 98 4.16 2.94 47.72
CA GLU A 98 4.20 4.39 47.85
C GLU A 98 3.73 4.91 49.19
N SER A 99 2.55 4.48 49.61
CA SER A 99 2.02 4.89 50.89
C SER A 99 2.95 4.45 52.00
N GLN A 100 3.42 3.21 51.92
CA GLN A 100 4.34 2.63 52.90
C GLN A 100 5.60 3.47 53.05
N ALA A 101 5.88 4.30 52.04
CA ALA A 101 7.07 5.14 52.05
C ALA A 101 6.82 6.57 52.50
N TYR A 102 5.57 6.93 52.72
CA TYR A 102 5.24 8.28 53.17
C TYR A 102 5.03 8.37 54.68
N GLN B 1 -15.03 -1.57 10.29
CA GLN B 1 -14.88 -0.27 9.57
C GLN B 1 -13.72 0.55 10.12
N ILE B 2 -12.57 -0.11 10.30
CA ILE B 2 -11.35 0.54 10.77
C ILE B 2 -10.70 1.11 9.52
N GLN B 3 -10.74 2.42 9.41
CA GLN B 3 -10.17 3.06 8.25
C GLN B 3 -9.30 4.23 8.62
N LEU B 4 -8.32 4.50 7.76
CA LEU B 4 -7.41 5.60 7.94
C LEU B 4 -7.39 6.28 6.59
N VAL B 5 -7.86 7.52 6.54
CA VAL B 5 -7.90 8.26 5.29
C VAL B 5 -6.97 9.47 5.36
N GLN B 6 -6.07 9.55 4.40
CA GLN B 6 -5.09 10.63 4.34
C GLN B 6 -5.49 11.75 3.41
N SER B 7 -4.89 12.91 3.61
CA SER B 7 -5.17 14.09 2.78
C SER B 7 -4.71 13.88 1.33
N GLY B 8 -5.30 14.66 0.42
CA GLY B 8 -4.99 14.56 -0.98
C GLY B 8 -3.53 14.76 -1.35
N PRO B 9 -3.18 14.52 -2.63
CA PRO B 9 -1.88 14.62 -3.31
C PRO B 9 -1.29 16.01 -3.18
N GLU B 10 0.03 16.11 -3.23
CA GLU B 10 0.69 17.40 -3.06
C GLU B 10 1.82 17.68 -4.03
N LEU B 11 1.88 18.94 -4.46
CA LEU B 11 2.90 19.43 -5.36
C LEU B 11 3.48 20.67 -4.68
N LYS B 12 4.74 20.62 -4.32
CA LYS B 12 5.36 21.75 -3.66
C LYS B 12 6.70 22.09 -4.26
N LYS B 13 7.11 23.34 -4.07
CA LYS B 13 8.39 23.83 -4.56
C LYS B 13 9.47 23.61 -3.50
N PRO B 14 10.72 23.50 -3.93
CA PRO B 14 11.79 23.31 -2.94
C PRO B 14 11.81 24.45 -1.93
N GLY B 15 11.90 24.11 -0.66
CA GLY B 15 11.93 25.13 0.37
C GLY B 15 10.57 25.42 0.95
N GLU B 16 9.52 24.89 0.31
CA GLU B 16 8.15 25.10 0.79
C GLU B 16 7.84 24.03 1.83
N THR B 17 6.68 24.13 2.45
CA THR B 17 6.28 23.17 3.47
C THR B 17 5.00 22.44 3.08
N VAL B 18 4.69 21.37 3.81
CA VAL B 18 3.47 20.60 3.59
C VAL B 18 3.03 20.05 4.91
N LYS B 19 1.73 19.86 5.06
CA LYS B 19 1.19 19.30 6.27
C LYS B 19 0.18 18.27 5.82
N ILE B 20 0.60 17.02 5.74
CA ILE B 20 -0.25 15.93 5.32
C ILE B 20 -1.00 15.44 6.56
N SER B 21 -2.28 15.09 6.39
CA SER B 21 -3.08 14.63 7.52
C SER B 21 -3.63 13.24 7.29
N CYS B 22 -4.11 12.64 8.37
CA CYS B 22 -4.71 11.32 8.33
C CYS B 22 -5.80 11.25 9.38
N LYS B 23 -6.93 10.66 9.01
CA LYS B 23 -8.04 10.54 9.94
C LYS B 23 -8.40 9.10 10.26
N ALA B 24 -8.32 8.74 11.53
CA ALA B 24 -8.66 7.39 11.93
C ALA B 24 -10.17 7.32 12.21
N SER B 25 -10.72 6.11 12.17
CA SER B 25 -12.12 5.92 12.46
C SER B 25 -12.38 4.41 12.48
N GLY B 26 -12.97 3.92 13.56
CA GLY B 26 -13.26 2.50 13.67
C GLY B 26 -12.68 1.88 14.93
N TYR B 27 -11.76 2.57 15.59
CA TYR B 27 -11.14 2.06 16.81
C TYR B 27 -10.80 3.22 17.73
N THR B 28 -10.45 2.91 18.98
CA THR B 28 -10.08 3.94 19.94
C THR B 28 -8.73 4.50 19.53
N PHE B 29 -8.72 5.74 19.04
CA PHE B 29 -7.51 6.41 18.57
C PHE B 29 -6.32 6.36 19.52
N THR B 30 -6.56 6.62 20.79
CA THR B 30 -5.48 6.64 21.77
C THR B 30 -5.13 5.32 22.49
N ASN B 31 -5.39 4.19 21.86
CA ASN B 31 -5.05 2.91 22.46
C ASN B 31 -3.97 2.21 21.63
N TYR B 32 -3.76 2.74 20.43
CA TYR B 32 -2.79 2.25 19.47
C TYR B 32 -1.88 3.39 19.09
N GLY B 33 -0.59 3.12 18.91
CA GLY B 33 0.34 4.15 18.49
C GLY B 33 0.34 4.19 16.97
N MET B 34 0.84 5.27 16.37
CA MET B 34 0.89 5.33 14.91
C MET B 34 2.32 5.45 14.37
N ASN B 35 2.56 4.82 13.23
CA ASN B 35 3.87 4.87 12.60
C ASN B 35 3.79 5.69 11.32
N LEU B 36 4.93 6.22 10.88
CA LEU B 36 4.97 6.95 9.64
C LEU B 36 5.96 6.25 8.73
N VAL B 37 5.55 6.06 7.48
CA VAL B 37 6.37 5.37 6.50
C VAL B 37 6.55 6.14 5.20
N LYS B 38 7.76 6.08 4.65
CA LYS B 38 8.03 6.77 3.42
C LYS B 38 8.26 5.75 2.34
N GLN B 39 8.03 6.15 1.11
CA GLN B 39 8.25 5.29 -0.03
C GLN B 39 8.54 6.17 -1.23
N ALA B 40 9.84 6.30 -1.53
CA ALA B 40 10.31 7.08 -2.67
C ALA B 40 9.85 6.34 -3.93
N PRO B 41 9.90 7.00 -5.10
CA PRO B 41 9.47 6.27 -6.29
C PRO B 41 10.33 5.03 -6.59
N GLY B 42 9.65 3.90 -6.81
CA GLY B 42 10.32 2.66 -7.11
C GLY B 42 10.98 1.99 -5.93
N LYS B 43 11.23 2.75 -4.87
CA LYS B 43 11.90 2.21 -3.68
C LYS B 43 11.01 1.45 -2.69
N GLY B 44 11.64 0.99 -1.61
CA GLY B 44 10.91 0.25 -0.60
C GLY B 44 10.43 1.12 0.55
N PHE B 45 9.90 0.48 1.58
CA PHE B 45 9.38 1.20 2.72
C PHE B 45 10.45 1.68 3.68
N GLU B 46 10.34 2.94 4.08
CA GLU B 46 11.28 3.54 4.98
C GLU B 46 10.51 4.10 6.19
N TRP B 47 10.85 3.59 7.38
CA TRP B 47 10.20 4.01 8.60
C TRP B 47 10.71 5.38 9.05
N MET B 48 9.81 6.35 9.12
CA MET B 48 10.14 7.70 9.52
C MET B 48 10.16 7.90 11.04
N GLY B 49 9.35 7.12 11.73
CA GLY B 49 9.27 7.23 13.18
C GLY B 49 7.85 6.93 13.60
N TRP B 50 7.47 7.34 14.81
CA TRP B 50 6.12 7.08 15.24
C TRP B 50 5.55 8.14 16.15
N ILE B 51 4.29 7.96 16.54
CA ILE B 51 3.62 8.89 17.45
C ILE B 51 2.88 8.13 18.55
N ASN B 52 3.10 8.53 19.79
CA ASN B 52 2.42 7.93 20.92
C ASN B 52 1.11 8.72 20.93
N THR B 53 0.05 8.13 20.41
CA THR B 53 -1.23 8.85 20.32
C THR B 53 -1.84 9.15 21.68
N PHE B 54 -1.21 8.65 22.73
CA PHE B 54 -1.68 8.86 24.09
C PHE B 54 -0.99 10.09 24.71
N THR B 55 0.33 10.08 24.62
CA THR B 55 1.17 11.13 25.16
C THR B 55 1.30 12.28 24.18
N GLY B 56 1.24 11.95 22.90
CA GLY B 56 1.40 12.97 21.87
C GLY B 56 2.89 13.17 21.55
N GLU B 57 3.76 12.50 22.31
CA GLU B 57 5.20 12.63 22.06
C GLU B 57 5.61 11.85 20.80
N PRO B 58 6.23 12.54 19.84
CA PRO B 58 6.67 11.89 18.60
C PRO B 58 8.13 11.45 18.69
N THR B 59 8.51 10.48 17.87
CA THR B 59 9.88 9.97 17.85
C THR B 59 10.33 9.85 16.40
N TYR B 60 11.40 10.55 16.03
CA TYR B 60 11.91 10.52 14.67
C TYR B 60 13.12 9.61 14.45
N ALA B 61 13.14 8.87 13.35
CA ALA B 61 14.29 8.01 13.08
C ALA B 61 15.45 8.97 12.78
N ASP B 62 16.68 8.49 12.83
CA ASP B 62 17.82 9.36 12.59
C ASP B 62 17.73 10.30 11.41
N ASP B 63 17.19 9.83 10.28
CA ASP B 63 17.09 10.66 9.08
C ASP B 63 15.96 11.70 9.06
N PHE B 64 15.04 11.62 10.01
CA PHE B 64 13.94 12.56 10.01
C PHE B 64 13.88 13.39 11.26
N LYS B 65 14.95 13.35 12.04
CA LYS B 65 14.98 14.13 13.24
C LYS B 65 15.50 15.52 12.92
N GLY B 66 15.27 15.96 11.68
CA GLY B 66 15.75 17.25 11.28
C GLY B 66 14.72 18.25 10.78
N ARG B 67 13.91 17.85 9.80
CA ARG B 67 12.93 18.76 9.22
C ARG B 67 11.50 18.25 9.25
N PHE B 68 11.25 17.20 10.04
CA PHE B 68 9.93 16.59 10.11
C PHE B 68 9.24 16.75 11.45
N VAL B 69 7.94 17.04 11.40
CA VAL B 69 7.16 17.19 12.62
C VAL B 69 5.93 16.30 12.61
N PHE B 70 5.76 15.54 13.69
CA PHE B 70 4.62 14.65 13.83
C PHE B 70 3.76 15.21 14.96
N SER B 71 2.46 15.36 14.69
CA SER B 71 1.57 15.90 15.70
C SER B 71 0.18 15.28 15.61
N LEU B 72 -0.65 15.58 16.62
CA LEU B 72 -2.02 15.07 16.69
C LEU B 72 -3.05 16.17 16.91
N ASP B 73 -4.28 15.71 17.00
CA ASP B 73 -5.46 16.52 17.28
C ASP B 73 -6.34 15.39 17.84
N THR B 74 -6.08 15.02 19.09
CA THR B 74 -6.79 13.92 19.72
C THR B 74 -8.28 13.90 19.42
N SER B 75 -8.97 15.00 19.74
CA SER B 75 -10.40 15.13 19.51
C SER B 75 -10.90 14.58 18.18
N ALA B 76 -10.17 14.86 17.10
CA ALA B 76 -10.57 14.42 15.76
C ALA B 76 -9.95 13.13 15.28
N SER B 77 -9.18 12.46 16.16
CA SER B 77 -8.51 11.20 15.81
C SER B 77 -7.74 11.46 14.53
N THR B 78 -6.97 12.56 14.53
CA THR B 78 -6.20 12.95 13.36
C THR B 78 -4.74 13.25 13.66
N ALA B 79 -3.86 12.61 12.89
CA ALA B 79 -2.42 12.81 13.06
C ALA B 79 -1.91 13.62 11.87
N TYR B 80 -0.88 14.42 12.10
CA TYR B 80 -0.33 15.24 11.03
C TYR B 80 1.17 15.05 10.85
N LEU B 81 1.60 14.98 9.59
CA LEU B 81 3.01 14.86 9.28
C LEU B 81 3.31 16.13 8.50
N GLN B 82 4.14 16.99 9.07
CA GLN B 82 4.52 18.22 8.41
C GLN B 82 5.99 18.11 8.00
N ILE B 83 6.29 18.47 6.76
CA ILE B 83 7.68 18.44 6.30
C ILE B 83 8.04 19.88 5.96
N ASN B 84 9.14 20.35 6.54
CA ASN B 84 9.59 21.73 6.31
C ASN B 84 10.84 21.79 5.46
N ASN B 85 10.99 22.90 4.75
CA ASN B 85 12.16 23.12 3.90
C ASN B 85 12.29 21.97 2.91
N LEU B 86 11.20 21.69 2.19
CA LEU B 86 11.17 20.61 1.23
C LEU B 86 12.38 20.54 0.30
N LYS B 87 12.75 19.30 -0.06
CA LYS B 87 13.88 19.05 -0.95
C LYS B 87 13.44 17.97 -1.94
N ASN B 88 14.06 17.95 -3.11
CA ASN B 88 13.71 16.97 -4.12
C ASN B 88 13.71 15.57 -3.54
N GLU B 89 14.55 15.34 -2.55
CA GLU B 89 14.63 14.01 -1.94
C GLU B 89 13.33 13.65 -1.21
N ASP B 90 12.54 14.66 -0.88
CA ASP B 90 11.29 14.45 -0.18
C ASP B 90 10.20 13.87 -1.07
N THR B 91 10.38 13.91 -2.39
CA THR B 91 9.38 13.35 -3.31
C THR B 91 9.17 11.86 -3.04
N ALA B 92 7.94 11.50 -2.68
CA ALA B 92 7.59 10.12 -2.39
C ALA B 92 6.13 10.03 -1.92
N THR B 93 5.70 8.85 -1.51
CA THR B 93 4.35 8.66 -1.03
C THR B 93 4.41 8.29 0.44
N TYR B 94 3.77 9.09 1.28
CA TYR B 94 3.81 8.85 2.70
C TYR B 94 2.59 8.14 3.26
N PHE B 95 2.84 7.27 4.23
CA PHE B 95 1.75 6.51 4.84
C PHE B 95 1.70 6.67 6.34
N PHE B 96 0.51 6.43 6.88
CA PHE B 96 0.28 6.46 8.31
C PHE B 96 -0.17 5.04 8.59
N THR B 97 0.17 4.51 9.75
CA THR B 97 -0.29 3.17 10.02
C THR B 97 -0.80 3.14 11.46
N ARG B 98 -1.81 2.32 11.70
CA ARG B 98 -2.31 2.16 13.06
C ARG B 98 -1.43 1.01 13.48
N GLY B 99 -0.60 1.22 14.48
CA GLY B 99 0.31 0.17 14.91
C GLY B 99 1.01 -0.45 13.71
N THR B 100 0.95 -1.77 13.62
CA THR B 100 1.61 -2.42 12.53
C THR B 100 0.70 -3.19 11.58
N ASP B 101 -0.61 -3.02 11.76
CA ASP B 101 -1.57 -3.73 10.92
C ASP B 101 -2.41 -2.95 9.89
N TYR B 102 -2.71 -1.68 10.11
CA TYR B 102 -3.52 -0.92 9.14
C TYR B 102 -2.85 0.34 8.55
N TRP B 103 -2.99 0.52 7.23
CA TRP B 103 -2.38 1.65 6.52
C TRP B 103 -3.41 2.59 5.90
N GLY B 104 -2.98 3.79 5.57
CA GLY B 104 -3.85 4.73 4.90
C GLY B 104 -3.65 4.48 3.41
N GLN B 105 -4.50 5.04 2.56
CA GLN B 105 -4.34 4.81 1.13
C GLN B 105 -3.04 5.41 0.59
N GLY B 106 -2.33 6.13 1.46
CA GLY B 106 -1.09 6.78 1.07
C GLY B 106 -1.31 8.22 0.62
N THR B 107 -0.21 8.97 0.47
CA THR B 107 -0.27 10.36 0.02
C THR B 107 0.98 10.67 -0.79
N THR B 108 0.76 11.04 -2.04
CA THR B 108 1.86 11.35 -2.94
C THR B 108 2.23 12.83 -2.94
N LEU B 109 3.47 13.11 -2.52
CA LEU B 109 4.03 14.46 -2.48
C LEU B 109 5.13 14.58 -3.54
N THR B 110 5.11 15.68 -4.29
CA THR B 110 6.11 15.91 -5.31
C THR B 110 6.74 17.27 -5.08
N VAL B 111 8.06 17.30 -5.13
CA VAL B 111 8.82 18.51 -4.95
C VAL B 111 9.75 18.75 -6.13
N SER B 112 9.52 19.84 -6.85
CA SER B 112 10.34 20.22 -8.00
C SER B 112 9.95 21.61 -8.48
N SER B 113 10.93 22.35 -8.99
CA SER B 113 10.68 23.70 -9.47
C SER B 113 9.97 23.66 -10.81
N ALA B 114 9.49 22.48 -11.19
CA ALA B 114 8.76 22.32 -12.44
C ALA B 114 7.33 22.77 -12.18
N LYS B 115 6.75 23.47 -13.14
CA LYS B 115 5.38 23.94 -12.98
C LYS B 115 4.39 22.90 -13.44
N THR B 116 3.21 22.94 -12.85
CA THR B 116 2.14 22.01 -13.15
C THR B 116 1.77 22.02 -14.63
N THR B 117 1.32 20.88 -15.13
CA THR B 117 0.91 20.75 -16.51
C THR B 117 -0.28 19.81 -16.58
N ALA B 118 -1.44 20.36 -16.93
CA ALA B 118 -2.64 19.54 -17.01
C ALA B 118 -2.39 18.50 -18.08
N PRO B 119 -3.12 17.38 -18.05
CA PRO B 119 -2.94 16.33 -19.05
C PRO B 119 -3.99 16.48 -20.15
N SER B 120 -3.62 16.14 -21.39
CA SER B 120 -4.55 16.20 -22.51
C SER B 120 -5.19 14.82 -22.64
N VAL B 121 -6.49 14.73 -22.43
CA VAL B 121 -7.17 13.44 -22.51
C VAL B 121 -7.76 13.21 -23.87
N TYR B 122 -7.34 12.12 -24.52
CA TYR B 122 -7.82 11.76 -25.86
C TYR B 122 -8.59 10.45 -25.81
N PRO B 123 -9.75 10.39 -26.47
CA PRO B 123 -10.51 9.15 -26.45
C PRO B 123 -9.81 8.18 -27.40
N LEU B 124 -10.28 6.93 -27.44
CA LEU B 124 -9.69 5.93 -28.33
C LEU B 124 -10.79 4.99 -28.77
N ALA B 125 -11.06 4.98 -30.08
CA ALA B 125 -12.11 4.15 -30.66
C ALA B 125 -11.59 3.07 -31.61
N PRO B 126 -12.29 1.93 -31.67
CA PRO B 126 -12.00 0.76 -32.51
C PRO B 126 -11.66 1.06 -33.97
N VAL B 127 -11.70 0.01 -34.77
CA VAL B 127 -11.41 0.06 -36.20
C VAL B 127 -11.21 -1.38 -36.68
N CYS B 128 -10.57 -2.20 -35.85
CA CYS B 128 -10.30 -3.60 -36.13
C CYS B 128 -11.40 -4.54 -35.61
N GLY B 129 -11.07 -5.32 -34.59
CA GLY B 129 -12.02 -6.25 -34.00
C GLY B 129 -13.43 -5.69 -33.96
N ASP B 130 -14.41 -6.54 -34.27
CA ASP B 130 -15.80 -6.11 -34.30
C ASP B 130 -16.72 -7.15 -33.65
N THR B 131 -16.83 -8.31 -34.29
CA THR B 131 -17.67 -9.39 -33.79
C THR B 131 -17.09 -10.78 -34.10
N THR B 132 -15.76 -10.88 -34.05
CA THR B 132 -15.06 -12.13 -34.26
C THR B 132 -14.79 -12.73 -32.88
N GLY B 133 -15.29 -12.03 -31.87
CA GLY B 133 -15.16 -12.42 -30.48
C GLY B 133 -16.34 -11.83 -29.71
N SER B 134 -17.07 -10.93 -30.39
CA SER B 134 -18.26 -10.25 -29.84
C SER B 134 -17.96 -9.11 -28.88
N SER B 135 -16.75 -9.09 -28.33
CA SER B 135 -16.36 -8.05 -27.39
C SER B 135 -15.81 -6.84 -28.14
N VAL B 136 -15.90 -5.68 -27.51
CA VAL B 136 -15.39 -4.45 -28.09
C VAL B 136 -14.57 -3.73 -27.02
N THR B 137 -13.39 -3.27 -27.40
CA THR B 137 -12.54 -2.58 -26.43
C THR B 137 -12.29 -1.13 -26.80
N LEU B 138 -12.71 -0.25 -25.90
CA LEU B 138 -12.55 1.17 -26.08
C LEU B 138 -11.45 1.56 -25.12
N GLY B 139 -10.81 2.69 -25.37
CA GLY B 139 -9.75 3.10 -24.47
C GLY B 139 -9.82 4.58 -24.16
N CYS B 140 -8.75 5.08 -23.57
CA CYS B 140 -8.66 6.49 -23.20
C CYS B 140 -7.19 6.78 -22.97
N LEU B 141 -6.74 7.93 -23.47
CA LEU B 141 -5.33 8.32 -23.37
C LEU B 141 -5.09 9.67 -22.68
N VAL B 142 -4.37 9.63 -21.56
CA VAL B 142 -4.03 10.83 -20.80
C VAL B 142 -2.53 11.05 -20.93
N LYS B 143 -2.11 12.07 -21.66
CA LYS B 143 -0.67 12.29 -21.80
C LYS B 143 -0.18 13.71 -21.58
N GLY B 144 1.13 13.81 -21.31
CA GLY B 144 1.77 15.09 -21.09
C GLY B 144 1.40 15.86 -19.84
N TYR B 145 1.24 15.17 -18.70
CA TYR B 145 0.90 15.88 -17.47
C TYR B 145 2.01 15.81 -16.42
N PHE B 146 1.89 16.66 -15.40
CA PHE B 146 2.85 16.73 -14.31
C PHE B 146 2.28 17.60 -13.19
N PRO B 147 2.43 17.17 -11.93
CA PRO B 147 3.10 15.93 -11.51
C PRO B 147 2.09 14.83 -11.26
N GLU B 148 2.56 13.75 -10.65
CA GLU B 148 1.69 12.64 -10.30
C GLU B 148 0.91 13.13 -9.09
N PRO B 149 -0.31 12.62 -8.88
CA PRO B 149 -1.01 11.64 -9.71
C PRO B 149 -2.26 12.18 -10.39
N VAL B 150 -2.82 11.36 -11.27
CA VAL B 150 -4.03 11.70 -12.00
C VAL B 150 -5.05 10.65 -11.61
N THR B 151 -6.32 11.02 -11.55
CA THR B 151 -7.36 10.07 -11.18
C THR B 151 -8.28 9.84 -12.35
N LEU B 152 -8.51 8.57 -12.67
CA LEU B 152 -9.38 8.22 -13.79
C LEU B 152 -10.42 7.13 -13.50
N THR B 153 -11.56 7.27 -14.16
CA THR B 153 -12.66 6.34 -13.99
C THR B 153 -13.50 6.28 -15.26
N TRP B 154 -14.41 5.32 -15.33
CA TRP B 154 -15.29 5.18 -16.47
C TRP B 154 -16.71 5.39 -16.01
N ASN B 155 -17.40 6.36 -16.62
CA ASN B 155 -18.77 6.68 -16.26
C ASN B 155 -18.88 6.96 -14.76
N SER B 156 -18.02 7.86 -14.29
CA SER B 156 -17.95 8.26 -12.89
C SER B 156 -17.94 7.11 -11.90
N GLY B 157 -17.32 5.99 -12.28
CA GLY B 157 -17.23 4.85 -11.39
C GLY B 157 -18.18 3.69 -11.66
N SER B 158 -19.36 3.99 -12.19
CA SER B 158 -20.34 2.95 -12.48
C SER B 158 -19.75 1.77 -13.26
N LEU B 159 -18.81 2.06 -14.14
CA LEU B 159 -18.16 1.02 -14.96
C LEU B 159 -16.78 0.74 -14.40
N SER B 160 -16.67 -0.33 -13.61
CA SER B 160 -15.40 -0.69 -12.99
C SER B 160 -14.93 -2.08 -13.38
N SER B 161 -15.86 -2.91 -13.82
CA SER B 161 -15.52 -4.26 -14.23
C SER B 161 -14.96 -4.30 -15.65
N GLY B 162 -13.94 -5.15 -15.86
CA GLY B 162 -13.33 -5.28 -17.17
C GLY B 162 -12.59 -4.05 -17.64
N VAL B 163 -12.01 -3.30 -16.71
CA VAL B 163 -11.24 -2.09 -17.03
C VAL B 163 -9.77 -2.28 -16.68
N HIS B 164 -8.88 -1.67 -17.46
CA HIS B 164 -7.45 -1.79 -17.21
C HIS B 164 -6.71 -0.47 -17.26
N THR B 165 -6.28 0.01 -16.09
CA THR B 165 -5.55 1.26 -16.01
C THR B 165 -4.06 0.99 -15.82
N PHE B 166 -3.29 1.28 -16.86
CA PHE B 166 -1.86 1.04 -16.81
C PHE B 166 -1.09 2.14 -16.13
N PRO B 167 -0.03 1.78 -15.41
CA PRO B 167 0.84 2.71 -14.68
C PRO B 167 1.41 3.80 -15.57
N ALA B 168 1.48 5.01 -15.02
CA ALA B 168 1.98 6.14 -15.76
C ALA B 168 3.44 5.94 -16.17
N VAL B 169 3.83 6.58 -17.26
CA VAL B 169 5.20 6.49 -17.76
C VAL B 169 5.79 7.89 -17.86
N LEU B 170 7.12 7.98 -17.76
CA LEU B 170 7.78 9.28 -17.80
C LEU B 170 8.36 9.68 -19.15
N GLN B 171 8.00 10.89 -19.59
CA GLN B 171 8.50 11.44 -20.84
C GLN B 171 9.55 12.45 -20.42
N SER B 172 9.82 13.43 -21.29
CA SER B 172 10.81 14.46 -20.97
C SER B 172 10.70 14.77 -19.48
N ASP B 173 9.55 15.32 -19.10
CA ASP B 173 9.28 15.67 -17.73
C ASP B 173 7.77 15.67 -17.60
N LEU B 174 7.12 14.80 -18.34
CA LEU B 174 5.67 14.67 -18.28
C LEU B 174 5.29 13.20 -18.22
N TYR B 175 4.24 12.88 -17.49
CA TYR B 175 3.79 11.51 -17.37
C TYR B 175 2.60 11.28 -18.28
N THR B 176 2.57 10.10 -18.88
CA THR B 176 1.47 9.71 -19.75
C THR B 176 0.91 8.43 -19.19
N LEU B 177 -0.40 8.33 -19.21
CA LEU B 177 -1.10 7.18 -18.68
C LEU B 177 -2.12 6.75 -19.71
N SER B 178 -2.52 5.48 -19.61
CA SER B 178 -3.50 4.92 -20.53
C SER B 178 -4.47 4.04 -19.75
N SER B 179 -5.61 3.71 -20.37
CA SER B 179 -6.60 2.85 -19.72
C SER B 179 -7.55 2.28 -20.75
N SER B 180 -7.84 0.99 -20.61
CA SER B 180 -8.75 0.30 -21.52
C SER B 180 -9.99 -0.17 -20.78
N VAL B 181 -11.03 -0.49 -21.55
CA VAL B 181 -12.29 -0.99 -21.00
C VAL B 181 -12.92 -1.82 -22.10
N THR B 182 -13.40 -3.01 -21.75
CA THR B 182 -14.02 -3.91 -22.71
C THR B 182 -15.48 -4.20 -22.36
N VAL B 183 -16.33 -4.21 -23.37
CA VAL B 183 -17.74 -4.47 -23.16
C VAL B 183 -18.28 -5.30 -24.33
N THR B 184 -19.55 -5.69 -24.26
CA THR B 184 -20.16 -6.47 -25.33
C THR B 184 -20.44 -5.57 -26.53
N SER B 185 -20.05 -6.03 -27.72
CA SER B 185 -20.24 -5.27 -28.96
C SER B 185 -21.60 -4.56 -29.01
N SER B 186 -22.62 -5.23 -28.49
CA SER B 186 -23.97 -4.67 -28.49
C SER B 186 -24.06 -3.36 -27.70
N THR B 187 -23.73 -3.42 -26.42
CA THR B 187 -23.77 -2.27 -25.52
C THR B 187 -23.00 -1.02 -25.97
N TRP B 188 -22.54 -1.01 -27.21
CA TRP B 188 -21.79 0.14 -27.73
C TRP B 188 -21.79 0.12 -29.26
N PRO B 189 -22.05 1.28 -29.90
CA PRO B 189 -22.34 2.59 -29.31
C PRO B 189 -23.72 2.66 -28.64
N SER B 190 -24.27 1.48 -28.34
CA SER B 190 -25.56 1.40 -27.67
C SER B 190 -25.53 2.34 -26.46
N GLN B 191 -24.83 1.92 -25.41
CA GLN B 191 -24.68 2.73 -24.19
C GLN B 191 -23.56 3.74 -24.38
N SER B 192 -23.58 4.84 -23.62
CA SER B 192 -22.55 5.86 -23.74
C SER B 192 -21.39 5.67 -22.75
N ILE B 193 -20.19 5.50 -23.29
CA ILE B 193 -18.99 5.30 -22.50
C ILE B 193 -18.22 6.63 -22.40
N THR B 194 -17.98 7.08 -21.17
CA THR B 194 -17.25 8.32 -20.97
C THR B 194 -16.07 8.10 -20.03
N CYS B 195 -14.94 8.71 -20.38
CA CYS B 195 -13.71 8.60 -19.61
C CYS B 195 -13.56 9.77 -18.63
N ASN B 196 -13.49 9.49 -17.35
CA ASN B 196 -13.37 10.55 -16.34
C ASN B 196 -11.94 10.68 -15.86
N VAL B 197 -11.41 11.89 -15.90
CA VAL B 197 -10.04 12.11 -15.47
C VAL B 197 -9.84 13.40 -14.68
N ALA B 198 -9.09 13.30 -13.60
CA ALA B 198 -8.81 14.47 -12.79
C ALA B 198 -7.33 14.52 -12.40
N HIS B 199 -6.71 15.67 -12.64
CA HIS B 199 -5.31 15.87 -12.30
C HIS B 199 -5.28 16.92 -11.19
N PRO B 200 -5.47 16.47 -9.93
CA PRO B 200 -5.47 17.37 -8.78
C PRO B 200 -4.54 18.59 -8.88
N ALA B 201 -3.24 18.34 -9.04
CA ALA B 201 -2.26 19.43 -9.13
C ALA B 201 -2.76 20.60 -9.97
N SER B 202 -3.22 20.31 -11.19
CA SER B 202 -3.73 21.33 -12.10
C SER B 202 -5.19 21.70 -11.86
N SER B 203 -5.73 21.33 -10.71
CA SER B 203 -7.11 21.67 -10.38
C SER B 203 -7.98 21.37 -11.60
N THR B 204 -7.55 20.37 -12.36
CA THR B 204 -8.23 19.96 -13.58
C THR B 204 -9.10 18.73 -13.38
N LYS B 205 -10.10 18.57 -14.26
CA LYS B 205 -10.98 17.41 -14.22
C LYS B 205 -11.75 17.35 -15.54
N VAL B 206 -11.47 16.35 -16.37
CA VAL B 206 -12.12 16.24 -17.66
C VAL B 206 -12.78 14.90 -17.97
N ASP B 207 -13.70 14.91 -18.92
CA ASP B 207 -14.42 13.70 -19.33
C ASP B 207 -14.43 13.66 -20.84
N LYS B 208 -14.41 12.45 -21.41
CA LYS B 208 -14.41 12.28 -22.86
C LYS B 208 -15.38 11.19 -23.30
N LYS B 209 -16.33 11.58 -24.14
CA LYS B 209 -17.30 10.65 -24.68
C LYS B 209 -16.56 9.92 -25.78
N ILE B 210 -16.78 8.61 -25.88
CA ILE B 210 -16.11 7.84 -26.90
C ILE B 210 -17.11 7.45 -27.98
N GLU B 211 -16.79 7.77 -29.23
CA GLU B 211 -17.66 7.44 -30.35
C GLU B 211 -16.86 6.95 -31.54
N PRO B 212 -17.50 6.17 -32.43
CA PRO B 212 -16.93 5.58 -33.66
C PRO B 212 -16.28 6.57 -34.62
N ASP C 1 21.52 -0.27 12.61
CA ASP C 1 20.29 -0.38 11.76
C ASP C 1 20.07 -1.79 11.25
N VAL C 2 19.11 -2.48 11.84
CA VAL C 2 18.78 -3.84 11.44
C VAL C 2 18.38 -3.91 9.95
N VAL C 3 18.90 -4.91 9.26
CA VAL C 3 18.62 -5.08 7.85
C VAL C 3 17.86 -6.38 7.62
N MET C 4 16.70 -6.28 6.99
CA MET C 4 15.87 -7.44 6.70
C MET C 4 16.17 -7.90 5.28
N SER C 5 16.58 -9.16 5.15
CA SER C 5 16.92 -9.71 3.84
C SER C 5 15.94 -10.79 3.47
N GLN C 6 14.84 -10.36 2.86
CA GLN C 6 13.78 -11.28 2.45
C GLN C 6 14.04 -11.93 1.09
N THR C 7 13.83 -13.24 1.01
CA THR C 7 14.01 -13.98 -0.24
C THR C 7 12.94 -15.05 -0.34
N PRO C 8 12.55 -15.42 -1.56
CA PRO C 8 13.04 -14.92 -2.85
C PRO C 8 12.34 -13.62 -3.23
N LEU C 9 12.78 -13.03 -4.34
CA LEU C 9 12.17 -11.81 -4.85
C LEU C 9 10.86 -12.16 -5.52
N THR C 10 10.72 -13.41 -5.97
CA THR C 10 9.52 -13.85 -6.65
C THR C 10 9.19 -15.30 -6.43
N LEU C 11 7.91 -15.60 -6.57
CA LEU C 11 7.41 -16.95 -6.40
C LEU C 11 6.23 -17.25 -7.30
N SER C 12 6.28 -18.38 -7.98
CA SER C 12 5.18 -18.82 -8.83
C SER C 12 4.72 -20.15 -8.25
N VAL C 13 3.56 -20.12 -7.62
CA VAL C 13 3.03 -21.31 -6.96
C VAL C 13 1.73 -21.80 -7.57
N THR C 14 1.62 -23.11 -7.69
CA THR C 14 0.40 -23.69 -8.24
C THR C 14 -0.60 -23.82 -7.08
N ILE C 15 -1.84 -23.42 -7.34
CA ILE C 15 -2.86 -23.47 -6.31
C ILE C 15 -2.82 -24.85 -5.64
N GLY C 16 -2.92 -24.87 -4.33
CA GLY C 16 -2.87 -26.14 -3.64
C GLY C 16 -1.46 -26.50 -3.25
N GLN C 17 -0.47 -25.76 -3.71
CA GLN C 17 0.89 -26.08 -3.31
C GLN C 17 1.36 -25.16 -2.19
N PRO C 18 2.40 -25.58 -1.45
CA PRO C 18 2.90 -24.76 -0.34
C PRO C 18 3.53 -23.45 -0.82
N ALA C 19 4.46 -22.93 -0.05
CA ALA C 19 5.17 -21.69 -0.38
C ALA C 19 5.78 -21.15 0.89
N SER C 20 7.08 -20.89 0.88
CA SER C 20 7.73 -20.37 2.09
C SER C 20 8.63 -19.18 1.80
N ILE C 21 8.37 -18.06 2.47
CA ILE C 21 9.17 -16.87 2.27
C ILE C 21 10.10 -16.69 3.46
N SER C 22 11.34 -16.28 3.19
CA SER C 22 12.36 -16.09 4.22
C SER C 22 12.74 -14.61 4.45
N CYS C 23 12.92 -14.23 5.72
CA CYS C 23 13.30 -12.87 6.11
C CYS C 23 14.39 -12.93 7.16
N LYS C 24 15.64 -12.66 6.77
CA LYS C 24 16.74 -12.69 7.73
C LYS C 24 17.14 -11.29 8.15
N SER C 25 17.27 -11.08 9.46
CA SER C 25 17.69 -9.78 9.98
C SER C 25 19.18 -9.89 10.29
N SER C 26 19.90 -8.78 10.12
CA SER C 26 21.33 -8.72 10.38
C SER C 26 21.62 -8.77 11.88
N GLN C 27 20.59 -8.66 12.69
CA GLN C 27 20.77 -8.67 14.13
C GLN C 27 19.52 -9.23 14.80
N SER C 28 19.70 -9.92 15.93
CA SER C 28 18.57 -10.49 16.66
C SER C 28 17.39 -9.54 16.82
N LEU C 29 16.18 -10.07 16.63
CA LEU C 29 14.98 -9.26 16.76
C LEU C 29 14.31 -9.54 18.08
N LEU C 30 15.10 -9.98 19.06
CA LEU C 30 14.58 -10.27 20.38
C LEU C 30 14.64 -8.94 21.14
N ASP C 31 13.57 -8.14 21.03
CA ASP C 31 13.49 -6.84 21.69
C ASP C 31 13.87 -6.92 23.17
N SER C 32 14.07 -5.76 23.78
CA SER C 32 14.45 -5.71 25.18
C SER C 32 13.39 -6.27 26.13
N ASP C 33 12.11 -6.04 25.84
CA ASP C 33 11.08 -6.55 26.75
C ASP C 33 10.77 -8.03 26.63
N GLY C 34 11.59 -8.76 25.88
CA GLY C 34 11.40 -10.19 25.73
C GLY C 34 10.61 -10.71 24.53
N LYS C 35 9.90 -9.84 23.84
CA LYS C 35 9.14 -10.28 22.69
C LYS C 35 9.99 -10.07 21.45
N THR C 36 9.58 -10.70 20.35
CA THR C 36 10.28 -10.55 19.07
C THR C 36 9.23 -9.97 18.12
N TYR C 37 9.30 -8.67 17.87
CA TYR C 37 8.30 -8.04 17.02
C TYR C 37 8.49 -8.14 15.52
N LEU C 38 8.25 -9.31 14.97
CA LEU C 38 8.39 -9.53 13.53
C LEU C 38 6.98 -9.60 12.94
N ASN C 39 6.73 -8.82 11.88
CA ASN C 39 5.39 -8.78 11.27
C ASN C 39 5.34 -9.16 9.80
N TRP C 40 4.36 -9.96 9.40
CA TRP C 40 4.22 -10.32 8.00
C TRP C 40 2.98 -9.62 7.47
N LEU C 41 3.14 -8.89 6.37
CA LEU C 41 2.03 -8.17 5.77
C LEU C 41 1.83 -8.61 4.36
N LEU C 42 0.67 -8.34 3.80
CA LEU C 42 0.41 -8.72 2.44
C LEU C 42 -0.14 -7.48 1.77
N GLN C 43 0.39 -7.15 0.59
CA GLN C 43 -0.09 -6.00 -0.13
C GLN C 43 -0.60 -6.44 -1.49
N ARG C 44 -1.93 -6.57 -1.60
CA ARG C 44 -2.55 -6.99 -2.85
C ARG C 44 -2.43 -5.89 -3.89
N PRO C 45 -2.52 -6.25 -5.18
CA PRO C 45 -2.42 -5.30 -6.29
C PRO C 45 -3.47 -4.20 -6.18
N GLY C 46 -3.02 -2.97 -5.96
CA GLY C 46 -3.95 -1.85 -5.85
C GLY C 46 -4.24 -1.44 -4.42
N GLN C 47 -4.22 -2.41 -3.50
CA GLN C 47 -4.49 -2.19 -2.07
C GLN C 47 -3.30 -1.62 -1.30
N SER C 48 -3.49 -1.44 0.01
CA SER C 48 -2.45 -0.97 0.92
C SER C 48 -2.08 -2.22 1.71
N PRO C 49 -0.83 -2.33 2.17
CA PRO C 49 -0.47 -3.54 2.92
C PRO C 49 -1.48 -3.89 3.99
N LYS C 50 -1.46 -5.15 4.42
CA LYS C 50 -2.34 -5.62 5.48
C LYS C 50 -1.62 -6.74 6.22
N ARG C 51 -1.53 -6.61 7.53
CA ARG C 51 -0.85 -7.58 8.37
C ARG C 51 -1.61 -8.89 8.55
N LEU C 52 -0.87 -9.99 8.46
CA LEU C 52 -1.42 -11.33 8.60
C LEU C 52 -0.89 -12.00 9.85
N ILE C 53 0.39 -11.78 10.10
CA ILE C 53 1.05 -12.37 11.24
C ILE C 53 1.90 -11.30 11.92
N TYR C 54 1.84 -11.28 13.25
CA TYR C 54 2.61 -10.35 14.07
C TYR C 54 3.25 -11.17 15.19
N LEU C 55 4.25 -10.63 15.87
CA LEU C 55 4.92 -11.39 16.92
C LEU C 55 5.39 -12.76 16.44
N VAL C 56 5.98 -12.79 15.25
CA VAL C 56 6.52 -14.03 14.70
C VAL C 56 5.50 -15.04 14.22
N SER C 57 4.59 -15.46 15.10
CA SER C 57 3.64 -16.49 14.67
C SER C 57 2.18 -16.35 15.04
N ARG C 58 1.80 -15.23 15.63
CA ARG C 58 0.40 -15.02 15.99
C ARG C 58 -0.44 -14.54 14.78
N LEU C 59 -1.47 -15.30 14.41
CA LEU C 59 -2.30 -14.94 13.28
C LEU C 59 -3.29 -13.83 13.60
N ASP C 60 -3.42 -12.84 12.72
CA ASP C 60 -4.41 -11.78 12.94
C ASP C 60 -5.78 -12.40 12.66
N SER C 61 -6.82 -11.94 13.36
CA SER C 61 -8.15 -12.52 13.19
C SER C 61 -8.62 -12.65 11.74
N GLY C 62 -9.04 -13.85 11.36
CA GLY C 62 -9.52 -14.07 10.01
C GLY C 62 -8.51 -14.73 9.08
N VAL C 63 -7.28 -14.89 9.57
CA VAL C 63 -6.24 -15.51 8.75
C VAL C 63 -6.18 -17.01 9.09
N PRO C 64 -6.17 -17.87 8.06
CA PRO C 64 -6.13 -19.35 8.14
C PRO C 64 -4.80 -20.01 8.55
N ASP C 65 -4.89 -21.08 9.32
CA ASP C 65 -3.72 -21.83 9.75
C ASP C 65 -2.80 -22.05 8.57
N ARG C 66 -3.34 -21.97 7.36
CA ARG C 66 -2.54 -22.15 6.16
C ARG C 66 -1.23 -21.40 6.32
N PHE C 67 -1.35 -20.13 6.72
CA PHE C 67 -0.19 -19.27 6.94
C PHE C 67 0.36 -19.52 8.34
N THR C 68 1.68 -19.64 8.43
CA THR C 68 2.36 -19.83 9.70
C THR C 68 3.72 -19.15 9.62
N GLY C 69 4.05 -18.44 10.69
CA GLY C 69 5.34 -17.78 10.75
C GLY C 69 6.17 -18.53 11.77
N SER C 70 7.48 -18.43 11.66
CA SER C 70 8.33 -19.11 12.60
C SER C 70 9.76 -18.63 12.53
N GLY C 71 10.59 -19.14 13.44
CA GLY C 71 11.98 -18.76 13.48
C GLY C 71 12.23 -18.03 14.78
N SER C 72 13.36 -17.36 14.87
CA SER C 72 13.72 -16.61 16.06
C SER C 72 15.16 -16.14 15.96
N GLY C 73 15.52 -15.18 16.81
CA GLY C 73 16.87 -14.69 16.77
C GLY C 73 17.07 -13.88 15.51
N THR C 74 17.30 -14.55 14.38
CA THR C 74 17.53 -13.87 13.11
C THR C 74 16.87 -14.49 11.88
N ASP C 75 16.44 -15.74 11.98
CA ASP C 75 15.80 -16.39 10.83
C ASP C 75 14.27 -16.50 10.99
N PHE C 76 13.52 -15.92 10.06
CA PHE C 76 12.07 -15.98 10.14
C PHE C 76 11.53 -16.53 8.85
N THR C 77 10.33 -17.09 8.91
CA THR C 77 9.76 -17.66 7.70
C THR C 77 8.25 -17.62 7.62
N LEU C 78 7.75 -17.12 6.50
CA LEU C 78 6.31 -17.09 6.31
C LEU C 78 6.04 -18.32 5.46
N LYS C 79 5.26 -19.24 6.00
CA LYS C 79 4.93 -20.48 5.30
C LYS C 79 3.44 -20.51 4.95
N ILE C 80 3.13 -20.96 3.74
CA ILE C 80 1.75 -21.08 3.29
C ILE C 80 1.61 -22.54 2.86
N SER C 81 1.08 -23.38 3.74
CA SER C 81 0.90 -24.80 3.47
C SER C 81 0.21 -25.13 2.13
N ARG C 82 -0.93 -24.49 1.89
CA ARG C 82 -1.69 -24.67 0.66
C ARG C 82 -1.99 -23.31 0.10
N VAL C 83 -1.36 -22.96 -1.00
CA VAL C 83 -1.56 -21.65 -1.59
C VAL C 83 -2.82 -21.60 -2.45
N GLU C 84 -3.33 -20.39 -2.66
CA GLU C 84 -4.51 -20.18 -3.50
C GLU C 84 -4.73 -18.75 -3.97
N ALA C 85 -5.55 -18.63 -5.01
CA ALA C 85 -5.89 -17.36 -5.67
C ALA C 85 -5.80 -16.09 -4.83
N GLU C 86 -6.59 -16.03 -3.76
CA GLU C 86 -6.63 -14.86 -2.88
C GLU C 86 -5.25 -14.44 -2.34
N ASP C 87 -4.32 -15.40 -2.33
CA ASP C 87 -2.97 -15.19 -1.81
C ASP C 87 -2.03 -14.37 -2.67
N LEU C 88 -2.27 -14.28 -3.97
CA LEU C 88 -1.36 -13.54 -4.83
C LEU C 88 -1.18 -12.07 -4.42
N GLY C 89 0.01 -11.53 -4.64
CA GLY C 89 0.32 -10.15 -4.31
C GLY C 89 1.76 -10.04 -3.78
N ILE C 90 2.06 -8.97 -3.05
CA ILE C 90 3.39 -8.77 -2.49
C ILE C 90 3.39 -9.02 -0.99
N TYR C 91 4.31 -9.86 -0.52
CA TYR C 91 4.42 -10.15 0.91
C TYR C 91 5.70 -9.52 1.42
N PHE C 92 5.72 -9.13 2.69
CA PHE C 92 6.93 -8.55 3.27
C PHE C 92 6.93 -8.52 4.79
N CYS C 93 8.13 -8.54 5.37
CA CYS C 93 8.23 -8.51 6.81
C CYS C 93 8.62 -7.11 7.28
N TRP C 94 8.30 -6.84 8.54
CA TRP C 94 8.54 -5.56 9.16
C TRP C 94 8.97 -5.84 10.58
N GLN C 95 10.08 -5.27 11.01
CA GLN C 95 10.51 -5.53 12.37
C GLN C 95 10.35 -4.29 13.23
N GLY C 96 9.82 -4.47 14.44
CA GLY C 96 9.64 -3.33 15.31
C GLY C 96 10.39 -3.48 16.63
N SER C 97 11.41 -4.31 16.62
CA SER C 97 12.19 -4.56 17.82
C SER C 97 13.24 -3.47 18.05
N HIS C 98 13.84 -2.97 16.97
CA HIS C 98 14.89 -1.97 17.12
C HIS C 98 14.69 -0.64 16.40
N PHE C 99 15.21 0.42 17.00
CA PHE C 99 15.14 1.76 16.46
C PHE C 99 16.23 1.95 15.41
N PRO C 100 15.86 2.19 14.15
CA PRO C 100 14.53 2.34 13.54
C PRO C 100 13.97 1.03 13.03
N GLN C 101 12.66 0.93 12.94
CA GLN C 101 12.03 -0.28 12.44
C GLN C 101 12.44 -0.39 10.97
N THR C 102 12.56 -1.61 10.46
CA THR C 102 12.96 -1.80 9.08
C THR C 102 12.13 -2.90 8.43
N PHE C 103 11.94 -2.77 7.12
CA PHE C 103 11.16 -3.71 6.33
C PHE C 103 12.05 -4.57 5.43
N GLY C 104 11.49 -5.68 4.96
CA GLY C 104 12.24 -6.53 4.06
C GLY C 104 11.92 -5.99 2.68
N GLY C 105 12.72 -6.34 1.67
CA GLY C 105 12.48 -5.82 0.33
C GLY C 105 11.28 -6.30 -0.47
N GLY C 106 10.47 -7.19 0.09
CA GLY C 106 9.29 -7.68 -0.60
C GLY C 106 9.50 -8.97 -1.37
N THR C 107 8.40 -9.71 -1.59
CA THR C 107 8.40 -10.97 -2.31
C THR C 107 7.12 -11.12 -3.12
N LYS C 108 7.13 -10.65 -4.37
CA LYS C 108 5.95 -10.75 -5.22
C LYS C 108 5.55 -12.23 -5.37
N LEU C 109 4.32 -12.57 -4.98
CA LEU C 109 3.83 -13.94 -5.08
C LEU C 109 2.81 -14.15 -6.22
N GLU C 110 3.21 -14.94 -7.21
CA GLU C 110 2.37 -15.23 -8.37
C GLU C 110 1.67 -16.60 -8.26
N ILE C 111 0.38 -16.63 -8.57
CA ILE C 111 -0.38 -17.87 -8.54
C ILE C 111 -0.56 -18.34 -9.98
N LYS C 112 0.05 -19.47 -10.33
CA LYS C 112 -0.07 -20.01 -11.68
C LYS C 112 -1.54 -20.17 -12.05
N ARG C 113 -1.82 -20.10 -13.35
CA ARG C 113 -3.16 -20.25 -13.86
C ARG C 113 -3.05 -20.65 -15.32
N ALA C 114 -4.04 -21.37 -15.83
CA ALA C 114 -4.02 -21.82 -17.21
C ALA C 114 -3.55 -20.73 -18.21
N ASP C 115 -2.85 -21.13 -19.26
CA ASP C 115 -2.36 -20.18 -20.28
C ASP C 115 -3.49 -19.37 -20.93
N ALA C 116 -3.15 -18.24 -21.53
CA ALA C 116 -4.12 -17.38 -22.20
C ALA C 116 -3.45 -16.40 -23.15
N ALA C 117 -3.89 -16.42 -24.41
CA ALA C 117 -3.33 -15.52 -25.42
C ALA C 117 -3.78 -14.09 -25.16
N PRO C 118 -2.87 -13.13 -25.33
CA PRO C 118 -3.20 -11.73 -25.11
C PRO C 118 -4.23 -11.24 -26.11
N THR C 119 -5.24 -10.54 -25.64
CA THR C 119 -6.25 -9.99 -26.55
C THR C 119 -5.67 -8.66 -27.03
N VAL C 120 -5.39 -8.57 -28.33
CA VAL C 120 -4.81 -7.37 -28.88
C VAL C 120 -5.78 -6.50 -29.67
N SER C 121 -5.62 -5.19 -29.53
CA SER C 121 -6.45 -4.24 -30.25
C SER C 121 -5.64 -2.95 -30.40
N ILE C 122 -5.61 -2.40 -31.60
CA ILE C 122 -4.84 -1.19 -31.87
C ILE C 122 -5.76 0.04 -32.01
N PHE C 123 -5.20 1.22 -31.78
CA PHE C 123 -5.99 2.46 -31.89
C PHE C 123 -5.24 3.61 -32.56
N PRO C 124 -5.78 4.10 -33.69
CA PRO C 124 -5.17 5.21 -34.44
C PRO C 124 -5.30 6.50 -33.64
N PRO C 125 -4.38 7.46 -33.86
CA PRO C 125 -4.45 8.72 -33.12
C PRO C 125 -5.88 9.25 -33.14
N SER C 126 -6.31 9.89 -32.05
CA SER C 126 -7.65 10.44 -31.98
C SER C 126 -7.67 11.73 -32.79
N SER C 127 -8.86 12.19 -33.14
CA SER C 127 -9.00 13.42 -33.91
C SER C 127 -8.37 14.59 -33.17
N GLU C 128 -8.94 14.91 -32.01
CA GLU C 128 -8.47 16.03 -31.18
C GLU C 128 -6.96 16.10 -30.99
N GLN C 129 -6.27 14.97 -31.16
CA GLN C 129 -4.82 14.93 -30.99
C GLN C 129 -4.04 15.39 -32.22
N LEU C 130 -4.50 14.99 -33.40
CA LEU C 130 -3.84 15.37 -34.62
C LEU C 130 -3.90 16.88 -34.83
N THR C 131 -4.99 17.50 -34.39
CA THR C 131 -5.16 18.94 -34.54
C THR C 131 -3.93 19.70 -34.00
N SER C 132 -3.28 19.13 -32.99
CA SER C 132 -2.10 19.76 -32.39
C SER C 132 -0.76 19.27 -32.94
N GLY C 133 -0.78 18.40 -33.94
CA GLY C 133 0.47 17.92 -34.50
C GLY C 133 1.22 16.87 -33.69
N GLY C 134 0.48 15.86 -33.27
CA GLY C 134 1.04 14.78 -32.50
C GLY C 134 0.22 13.55 -32.82
N ALA C 135 0.86 12.41 -32.96
CA ALA C 135 0.13 11.20 -33.27
C ALA C 135 0.58 10.08 -32.34
N SER C 136 -0.35 9.57 -31.54
CA SER C 136 -0.05 8.48 -30.63
C SER C 136 -0.89 7.28 -31.02
N VAL C 137 -0.22 6.19 -31.34
CA VAL C 137 -0.90 4.97 -31.75
C VAL C 137 -0.81 3.95 -30.63
N VAL C 138 -1.91 3.81 -29.89
CA VAL C 138 -1.94 2.90 -28.76
C VAL C 138 -2.26 1.47 -29.12
N CYS C 139 -1.71 0.54 -28.36
CA CYS C 139 -1.96 -0.88 -28.57
C CYS C 139 -2.10 -1.55 -27.21
N PHE C 140 -3.23 -2.20 -27.00
CA PHE C 140 -3.49 -2.88 -25.75
C PHE C 140 -3.40 -4.39 -25.93
N LEU C 141 -2.75 -5.05 -24.98
CA LEU C 141 -2.65 -6.49 -24.97
C LEU C 141 -3.15 -6.87 -23.57
N ASN C 142 -4.43 -7.24 -23.48
CA ASN C 142 -5.02 -7.56 -22.19
C ASN C 142 -5.13 -9.04 -21.83
N ASN C 143 -5.26 -9.29 -20.54
CA ASN C 143 -5.45 -10.62 -19.95
C ASN C 143 -4.73 -11.82 -20.55
N PHE C 144 -3.40 -11.86 -20.43
CA PHE C 144 -2.64 -12.99 -20.94
C PHE C 144 -1.92 -13.70 -19.82
N TYR C 145 -1.23 -14.78 -20.14
CA TYR C 145 -0.47 -15.56 -19.16
C TYR C 145 0.24 -16.67 -19.90
N PRO C 146 1.52 -16.95 -19.57
CA PRO C 146 2.45 -16.36 -18.60
C PRO C 146 2.71 -14.86 -18.78
N LYS C 147 3.35 -14.24 -17.79
CA LYS C 147 3.65 -12.81 -17.82
C LYS C 147 4.59 -12.39 -18.94
N ASP C 148 5.49 -13.29 -19.33
CA ASP C 148 6.45 -12.98 -20.37
C ASP C 148 5.76 -12.70 -21.68
N ILE C 149 5.97 -11.49 -22.20
CA ILE C 149 5.38 -11.09 -23.46
C ILE C 149 6.33 -10.09 -24.12
N ASN C 150 6.41 -10.14 -25.45
CA ASN C 150 7.29 -9.24 -26.19
C ASN C 150 6.47 -8.47 -27.22
N VAL C 151 6.66 -7.16 -27.31
CA VAL C 151 5.92 -6.37 -28.29
C VAL C 151 6.83 -5.64 -29.26
N LYS C 152 6.45 -5.68 -30.53
CA LYS C 152 7.21 -5.04 -31.59
C LYS C 152 6.28 -4.14 -32.41
N TRP C 153 6.78 -3.03 -32.93
CA TRP C 153 5.95 -2.17 -33.77
C TRP C 153 6.55 -2.13 -35.15
N LYS C 154 5.70 -2.10 -36.17
CA LYS C 154 6.18 -2.04 -37.53
C LYS C 154 5.40 -1.00 -38.31
N ILE C 155 6.11 0.02 -38.74
CA ILE C 155 5.52 1.09 -39.54
C ILE C 155 5.80 0.71 -40.99
N ASP C 156 4.74 0.49 -41.76
CA ASP C 156 4.89 0.12 -43.16
C ASP C 156 5.99 -0.90 -43.38
N GLY C 157 5.98 -1.96 -42.59
CA GLY C 157 6.99 -2.99 -42.75
C GLY C 157 8.21 -2.86 -41.86
N SER C 158 8.81 -1.69 -41.80
CA SER C 158 10.01 -1.50 -40.99
C SER C 158 9.72 -1.48 -39.49
N GLU C 159 10.63 -2.05 -38.71
CA GLU C 159 10.47 -2.09 -37.25
C GLU C 159 10.73 -0.68 -36.73
N ARG C 160 9.99 -0.29 -35.69
CA ARG C 160 10.12 1.04 -35.07
C ARG C 160 10.20 0.91 -33.56
N GLN C 161 11.20 1.58 -32.96
CA GLN C 161 11.43 1.56 -31.51
C GLN C 161 11.42 2.97 -30.92
N ASN C 162 11.86 3.95 -31.70
CA ASN C 162 11.85 5.33 -31.24
C ASN C 162 10.39 5.71 -30.96
N GLY C 163 10.18 6.52 -29.93
CA GLY C 163 8.83 6.97 -29.63
C GLY C 163 7.84 5.95 -29.10
N VAL C 164 8.35 4.88 -28.48
CA VAL C 164 7.49 3.84 -27.94
C VAL C 164 7.63 3.78 -26.41
N LEU C 165 6.50 3.69 -25.73
CA LEU C 165 6.51 3.59 -24.28
C LEU C 165 5.60 2.44 -23.94
N ASN C 166 6.03 1.61 -23.00
CA ASN C 166 5.22 0.47 -22.57
C ASN C 166 4.84 0.59 -21.11
N SER C 167 3.90 -0.23 -20.68
CA SER C 167 3.45 -0.20 -19.29
C SER C 167 2.89 -1.58 -18.95
N TRP C 168 3.09 -2.01 -17.72
CA TRP C 168 2.62 -3.33 -17.34
C TRP C 168 1.81 -3.22 -16.07
N THR C 169 0.83 -4.11 -15.94
CA THR C 169 -0.02 -4.15 -14.76
C THR C 169 0.40 -5.42 -14.04
N ASP C 170 0.18 -5.46 -12.73
CA ASP C 170 0.52 -6.65 -11.98
C ASP C 170 -0.47 -7.76 -12.29
N GLN C 171 -0.22 -8.93 -11.71
CA GLN C 171 -1.09 -10.08 -11.90
C GLN C 171 -2.46 -9.71 -11.37
N ASP C 172 -3.51 -10.21 -12.01
CA ASP C 172 -4.85 -9.87 -11.58
C ASP C 172 -5.40 -10.76 -10.47
N SER C 173 -5.97 -10.11 -9.46
CA SER C 173 -6.55 -10.79 -8.30
C SER C 173 -7.75 -11.63 -8.72
N LYS C 174 -8.41 -11.21 -9.79
CA LYS C 174 -9.58 -11.92 -10.31
C LYS C 174 -9.23 -13.11 -11.19
N ASP C 175 -8.63 -12.82 -12.35
CA ASP C 175 -8.29 -13.88 -13.30
C ASP C 175 -6.81 -14.29 -13.36
N SER C 176 -6.00 -13.75 -12.47
CA SER C 176 -4.59 -14.11 -12.44
C SER C 176 -3.84 -13.83 -13.75
N THR C 177 -4.34 -12.94 -14.59
CA THR C 177 -3.64 -12.64 -15.85
C THR C 177 -2.83 -11.33 -15.76
N TYR C 178 -2.07 -11.05 -16.81
CA TYR C 178 -1.27 -9.84 -16.88
C TYR C 178 -1.75 -9.09 -18.10
N SER C 179 -1.53 -7.77 -18.11
CA SER C 179 -1.92 -6.95 -19.23
C SER C 179 -0.84 -5.93 -19.55
N MET C 180 -0.67 -5.62 -20.82
CA MET C 180 0.33 -4.67 -21.22
C MET C 180 -0.26 -3.54 -22.03
N SER C 181 0.47 -2.44 -22.15
CA SER C 181 0.02 -1.27 -22.90
C SER C 181 1.19 -0.60 -23.59
N SER C 182 1.19 -0.57 -24.92
CA SER C 182 2.27 0.05 -25.66
C SER C 182 1.73 1.24 -26.46
N THR C 183 2.44 2.36 -26.38
CA THR C 183 2.04 3.59 -27.06
C THR C 183 3.11 4.13 -27.99
N LEU C 184 2.86 4.08 -29.30
CA LEU C 184 3.82 4.60 -30.27
C LEU C 184 3.47 6.07 -30.57
N THR C 185 4.35 6.98 -30.19
CA THR C 185 4.11 8.38 -30.39
C THR C 185 5.17 9.01 -31.28
N LEU C 186 4.73 9.81 -32.23
CA LEU C 186 5.61 10.48 -33.17
C LEU C 186 4.92 11.78 -33.57
N THR C 187 5.57 12.56 -34.44
CA THR C 187 4.98 13.84 -34.88
C THR C 187 3.86 13.57 -35.86
N LYS C 188 2.95 14.52 -36.00
CA LYS C 188 1.85 14.36 -36.94
C LYS C 188 2.43 14.31 -38.36
N ASP C 189 3.46 15.11 -38.61
CA ASP C 189 4.12 15.15 -39.91
C ASP C 189 4.60 13.76 -40.32
N GLU C 190 5.36 13.08 -39.44
CA GLU C 190 5.89 11.76 -39.76
C GLU C 190 4.75 10.78 -39.88
N TYR C 191 3.79 10.91 -38.96
CA TYR C 191 2.64 10.02 -38.97
C TYR C 191 2.08 9.95 -40.39
N GLU C 192 1.51 11.08 -40.84
CA GLU C 192 0.91 11.18 -42.17
C GLU C 192 1.81 10.76 -43.33
N ARG C 193 3.11 10.68 -43.11
CA ARG C 193 4.03 10.28 -44.16
C ARG C 193 4.04 8.77 -44.34
N HIS C 194 3.39 8.05 -43.42
CA HIS C 194 3.35 6.58 -43.50
C HIS C 194 1.92 6.08 -43.63
N ASN C 195 1.77 4.83 -44.06
CA ASN C 195 0.43 4.29 -44.27
C ASN C 195 -0.08 3.27 -43.27
N SER C 196 0.45 2.04 -43.28
CA SER C 196 -0.04 1.02 -42.36
C SER C 196 0.82 0.84 -41.13
N TYR C 197 0.18 0.86 -39.96
CA TYR C 197 0.86 0.69 -38.69
C TYR C 197 0.46 -0.64 -38.07
N THR C 198 1.45 -1.41 -37.62
CA THR C 198 1.18 -2.71 -37.05
C THR C 198 1.64 -2.87 -35.60
N CYS C 199 0.94 -3.71 -34.85
CA CYS C 199 1.30 -3.98 -33.48
C CYS C 199 1.48 -5.49 -33.32
N GLU C 200 2.73 -5.94 -33.28
CA GLU C 200 3.02 -7.36 -33.17
C GLU C 200 3.34 -7.80 -31.76
N ALA C 201 2.69 -8.88 -31.33
CA ALA C 201 2.91 -9.41 -29.99
C ALA C 201 3.45 -10.84 -30.09
N THR C 202 4.41 -11.16 -29.24
CA THR C 202 5.00 -12.49 -29.23
C THR C 202 4.77 -13.12 -27.86
N HIS C 203 3.87 -14.08 -27.80
CA HIS C 203 3.52 -14.76 -26.54
C HIS C 203 3.64 -16.28 -26.67
N LYS C 204 3.78 -16.95 -25.52
CA LYS C 204 3.88 -18.41 -25.51
C LYS C 204 2.73 -19.11 -26.24
N THR C 205 1.51 -18.60 -26.05
CA THR C 205 0.29 -19.15 -26.64
C THR C 205 0.21 -19.29 -28.16
N SER C 206 1.18 -18.73 -28.87
CA SER C 206 1.19 -18.78 -30.32
C SER C 206 2.62 -18.83 -30.87
N THR C 207 2.85 -19.74 -31.79
CA THR C 207 4.14 -19.89 -32.41
C THR C 207 4.37 -18.79 -33.45
N SER C 208 3.32 -17.98 -33.69
CA SER C 208 3.40 -16.86 -34.62
C SER C 208 2.89 -15.61 -33.88
N PRO C 209 3.48 -14.43 -34.16
CA PRO C 209 3.06 -13.19 -33.50
C PRO C 209 1.62 -12.80 -33.72
N ILE C 210 0.94 -12.38 -32.66
CA ILE C 210 -0.46 -11.97 -32.72
C ILE C 210 -0.52 -10.53 -33.20
N VAL C 211 -0.80 -10.36 -34.49
CA VAL C 211 -0.84 -9.04 -35.12
C VAL C 211 -2.15 -8.23 -35.04
N LYS C 212 -2.01 -6.93 -35.23
CA LYS C 212 -3.14 -6.02 -35.21
C LYS C 212 -2.63 -4.70 -35.79
N SER C 213 -3.14 -4.36 -36.97
CA SER C 213 -2.71 -3.15 -37.64
C SER C 213 -3.87 -2.45 -38.33
N PHE C 214 -3.62 -1.19 -38.70
CA PHE C 214 -4.61 -0.39 -39.39
C PHE C 214 -3.88 0.50 -40.38
N ASN C 215 -4.48 0.72 -41.55
CA ASN C 215 -3.87 1.58 -42.54
C ASN C 215 -4.45 2.97 -42.35
N ARG C 216 -3.57 3.96 -42.31
CA ARG C 216 -3.98 5.34 -42.11
C ARG C 216 -5.10 5.75 -43.06
N ASN C 217 -4.99 5.34 -44.33
CA ASN C 217 -6.00 5.66 -45.32
C ASN C 217 -7.37 5.15 -44.90
N GLU C 218 -7.50 4.75 -43.64
CA GLU C 218 -8.77 4.21 -43.15
C GLU C 218 -9.20 3.20 -44.21
N CYS C 219 -8.20 2.55 -44.79
CA CYS C 219 -8.38 1.56 -45.84
C CYS C 219 -7.56 0.29 -45.57
#